data_2V3U
#
_entry.id   2V3U
#
_cell.length_a   36.801
_cell.length_b   40.307
_cell.length_c   44.393
_cell.angle_alpha   66.88
_cell.angle_beta   79.31
_cell.angle_gamma   86.46
#
_symmetry.space_group_name_H-M   'P 1'
#
loop_
_entity.id
_entity.type
_entity.pdbx_description
1 polymer 'GLUTAMATE RECEPTOR DELTA-2 SUBUNIT'
2 non-polymer D-SERINE
3 non-polymer 'SODIUM ION'
4 non-polymer 'CHLORIDE ION'
5 non-polymer 'THIOCYANATE ION'
6 water water
#
_entity_poly.entity_id   1
_entity_poly.type   'polypeptide(L)'
_entity_poly.pdbx_seq_one_letter_code
;GGVVLRVVTVLEEPFVMVSENVLGKPKKYQGFSIDVLDALSNYLGFNYEIYVAPDHKYGSPQEDGTWNGLVGELVFKRAD
IGISALTITPDRENVVDFTTRYMDYSVGVLLRRGTSIQSLQDLSKQTDIPYGTVLDSAVYQHVRMKGLNPFERDSMYSQM
WRMINRSNGSENNVLESQAGIQKVKYGNYAFVWDAAVLEYVAINDPDCSFYTVGNTVADRGYGIALQHGSPYRDVFSQRI
LELQQSGDMDILKHKWWPKNGQCDL
;
_entity_poly.pdbx_strand_id   A
#
# COMPACT_ATOMS: atom_id res chain seq x y z
N GLY A 1 -26.83 16.04 10.33
CA GLY A 1 -25.90 15.54 11.38
C GLY A 1 -25.55 14.07 11.24
N GLY A 2 -24.92 13.74 10.11
CA GLY A 2 -24.46 12.39 9.82
C GLY A 2 -23.33 12.02 10.77
N VAL A 3 -23.24 10.75 11.16
CA VAL A 3 -22.19 10.28 12.09
C VAL A 3 -20.79 10.57 11.49
N VAL A 4 -19.78 10.85 12.31
CA VAL A 4 -18.44 11.10 11.74
C VAL A 4 -17.61 9.86 12.00
N LEU A 5 -17.22 9.19 10.91
CA LEU A 5 -16.39 8.00 10.99
C LEU A 5 -14.90 8.37 11.05
N ARG A 6 -14.15 7.65 11.88
CA ARG A 6 -12.70 7.90 11.97
C ARG A 6 -11.98 7.01 10.97
N VAL A 7 -11.26 7.66 10.07
CA VAL A 7 -10.54 6.92 9.02
C VAL A 7 -9.05 6.98 9.24
N VAL A 8 -8.40 5.83 9.35
CA VAL A 8 -6.95 5.76 9.54
C VAL A 8 -6.30 5.46 8.18
N THR A 9 -5.20 6.15 7.89
CA THR A 9 -4.57 5.99 6.58
C THR A 9 -3.04 6.03 6.74
N VAL A 10 -2.39 5.78 5.60
CA VAL A 10 -0.94 5.94 5.45
C VAL A 10 -0.79 6.69 4.14
N LEU A 11 0.03 7.73 4.13
CA LEU A 11 0.18 8.57 2.93
C LEU A 11 0.89 7.76 1.87
N GLU A 12 0.38 7.78 0.64
CA GLU A 12 0.99 6.92 -0.38
C GLU A 12 0.47 7.12 -1.77
N GLU A 13 1.33 7.38 -2.76
CA GLU A 13 0.90 8.22 -3.88
C GLU A 13 0.60 7.06 -4.89
N PRO A 14 -0.44 7.20 -5.77
CA PRO A 14 -1.40 8.23 -5.80
C PRO A 14 -2.69 7.78 -5.08
N PHE A 15 -2.56 7.00 -4.01
CA PHE A 15 -3.75 6.44 -3.32
C PHE A 15 -4.32 7.44 -2.30
N VAL A 16 -3.44 7.93 -1.43
CA VAL A 16 -3.81 8.92 -0.44
C VAL A 16 -2.67 9.92 -0.34
N MET A 17 -2.97 11.16 -0.73
CA MET A 17 -2.03 12.28 -0.77
C MET A 17 -2.65 13.47 -0.02
N VAL A 18 -1.81 14.25 0.65
CA VAL A 18 -2.26 15.41 1.38
C VAL A 18 -2.14 16.66 0.51
N SER A 19 -3.05 17.60 0.71
CA SER A 19 -2.69 19.00 0.53
C SER A 19 -2.55 19.72 1.88
N GLU A 20 -1.29 19.94 2.24
CA GLU A 20 -0.95 20.75 3.41
C GLU A 20 -1.55 22.15 3.20
N ASN A 21 -1.89 22.83 4.28
CA ASN A 21 -2.39 24.23 4.16
C ASN A 21 -2.00 25.21 5.27
N VAL A 22 -2.35 26.47 5.06
CA VAL A 22 -1.87 27.57 5.90
C VAL A 22 -3.07 28.35 6.44
N LEU A 23 -2.85 29.09 7.54
CA LEU A 23 -3.82 30.10 7.96
C LEU A 23 -5.24 29.53 8.21
N GLY A 24 -5.28 28.29 8.71
CA GLY A 24 -6.50 27.68 9.19
C GLY A 24 -7.42 27.19 8.09
N LYS A 25 -6.97 27.31 6.83
CA LYS A 25 -7.75 26.78 5.72
C LYS A 25 -7.45 25.29 5.74
N PRO A 26 -8.50 24.45 5.62
CA PRO A 26 -8.32 23.05 5.98
C PRO A 26 -7.38 22.23 5.08
N LYS A 27 -6.58 21.39 5.74
CA LYS A 27 -5.81 20.34 5.09
C LYS A 27 -6.74 19.30 4.49
N LYS A 28 -6.50 18.97 3.22
CA LYS A 28 -7.38 18.09 2.48
C LYS A 28 -6.56 16.91 1.96
N TYR A 29 -7.25 15.80 1.71
CA TYR A 29 -6.60 14.62 1.18
C TYR A 29 -7.18 14.35 -0.21
N GLN A 30 -6.38 13.73 -1.08
CA GLN A 30 -6.89 13.32 -2.39
C GLN A 30 -6.21 12.05 -2.86
N GLY A 31 -6.72 11.44 -3.91
CA GLY A 31 -6.15 10.23 -4.49
C GLY A 31 -7.18 9.15 -4.77
N PHE A 32 -6.72 8.03 -5.32
CA PHE A 32 -7.61 6.98 -5.76
C PHE A 32 -8.44 6.40 -4.63
N SER A 33 -7.81 6.20 -3.46
CA SER A 33 -8.52 5.60 -2.32
C SER A 33 -9.45 6.63 -1.71
N ILE A 34 -9.08 7.92 -1.79
CA ILE A 34 -10.00 8.98 -1.30
C ILE A 34 -11.27 9.04 -2.21
N ASP A 35 -11.09 8.89 -3.52
CA ASP A 35 -12.25 8.88 -4.43
C ASP A 35 -13.19 7.72 -4.12
N VAL A 36 -12.60 6.56 -3.84
CA VAL A 36 -13.41 5.36 -3.50
C VAL A 36 -14.11 5.61 -2.19
N LEU A 37 -13.36 6.05 -1.17
CA LEU A 37 -13.92 6.42 0.14
C LEU A 37 -15.09 7.42 -0.01
N ASP A 38 -14.89 8.44 -0.84
CA ASP A 38 -15.93 9.43 -1.11
C ASP A 38 -17.17 8.85 -1.76
N ALA A 39 -16.96 7.96 -2.72
CA ALA A 39 -18.07 7.28 -3.36
C ALA A 39 -18.88 6.54 -2.29
N LEU A 40 -18.20 5.93 -1.31
CA LEU A 40 -18.86 5.20 -0.21
C LEU A 40 -19.52 6.15 0.80
N SER A 41 -18.83 7.24 1.12
CA SER A 41 -19.34 8.27 2.01
C SER A 41 -20.66 8.85 1.51
N ASN A 42 -20.69 9.19 0.23
CA ASN A 42 -21.85 9.81 -0.40
C ASN A 42 -23.02 8.83 -0.38
N TYR A 43 -22.70 7.53 -0.44
CA TYR A 43 -23.69 6.44 -0.45
C TYR A 43 -24.28 6.14 0.93
N LEU A 44 -23.44 6.09 1.95
CA LEU A 44 -23.94 5.80 3.30
C LEU A 44 -24.45 7.04 4.04
N GLY A 45 -24.06 8.22 3.55
CA GLY A 45 -24.41 9.44 4.26
C GLY A 45 -23.58 9.71 5.50
N PHE A 46 -22.38 9.10 5.60
CA PHE A 46 -21.49 9.43 6.72
C PHE A 46 -20.53 10.53 6.35
N ASN A 47 -20.15 11.32 7.35
CA ASN A 47 -18.98 12.16 7.27
C ASN A 47 -17.79 11.37 7.80
N TYR A 48 -16.61 11.92 7.60
CA TYR A 48 -15.41 11.28 8.12
C TYR A 48 -14.32 12.30 8.35
N GLU A 49 -13.40 11.91 9.21
CA GLU A 49 -12.19 12.63 9.44
C GLU A 49 -11.02 11.66 9.37
N ILE A 50 -9.99 12.08 8.66
CA ILE A 50 -8.86 11.22 8.41
C ILE A 50 -7.72 11.59 9.36
N TYR A 51 -7.02 10.57 9.80
CA TYR A 51 -5.72 10.74 10.46
C TYR A 51 -4.75 9.69 9.97
N VAL A 52 -3.47 10.01 10.03
CA VAL A 52 -2.44 9.10 9.57
C VAL A 52 -2.03 8.20 10.75
N ALA A 53 -1.82 6.90 10.51
CA ALA A 53 -1.40 5.95 11.55
C ALA A 53 -0.25 6.64 12.31
N PRO A 54 -0.33 6.72 13.66
CA PRO A 54 0.74 7.48 14.36
C PRO A 54 2.18 7.05 14.06
N ASP A 55 2.43 5.74 13.87
CA ASP A 55 3.77 5.21 13.54
C ASP A 55 4.10 5.19 12.02
N HIS A 56 3.21 5.77 11.22
CA HIS A 56 3.38 5.84 9.74
C HIS A 56 3.52 4.46 9.05
N LYS A 57 3.03 3.39 9.69
CA LYS A 57 3.14 2.01 9.16
C LYS A 57 1.81 1.38 8.74
N TYR A 58 1.89 0.45 7.77
CA TYR A 58 0.69 -0.33 7.36
C TYR A 58 0.36 -1.29 8.46
N GLY A 59 1.38 -1.97 8.97
CA GLY A 59 1.21 -2.89 10.10
C GLY A 59 1.55 -4.33 9.79
N SER A 60 2.10 -5.02 10.79
CA SER A 60 2.48 -6.42 10.58
C SER A 60 2.43 -7.09 11.95
N PRO A 61 2.35 -8.44 11.96
CA PRO A 61 2.31 -9.09 13.27
C PRO A 61 3.71 -9.03 13.92
N GLN A 62 3.75 -8.52 15.15
CA GLN A 62 5.01 -8.29 15.87
C GLN A 62 5.45 -9.53 16.63
N GLU A 63 6.71 -9.52 17.06
CA GLU A 63 7.34 -10.60 17.85
C GLU A 63 6.42 -11.19 18.95
N ASP A 64 5.67 -10.34 19.65
CA ASP A 64 4.73 -10.78 20.69
C ASP A 64 3.29 -11.03 20.22
N GLY A 65 3.06 -10.98 18.90
CA GLY A 65 1.73 -11.19 18.32
C GLY A 65 0.78 -9.99 18.25
N THR A 66 1.20 -8.83 18.75
CA THR A 66 0.34 -7.66 18.62
C THR A 66 0.49 -7.10 17.19
N TRP A 67 -0.44 -6.24 16.80
CA TRP A 67 -0.36 -5.55 15.50
C TRP A 67 -0.03 -4.09 15.68
N ASN A 68 0.85 -3.54 14.82
CA ASN A 68 1.11 -2.12 14.84
C ASN A 68 0.53 -1.48 13.55
N GLY A 69 0.86 -0.22 13.34
CA GLY A 69 0.47 0.43 12.09
C GLY A 69 -1.02 0.68 11.97
N LEU A 70 -1.42 1.01 10.73
CA LEU A 70 -2.80 1.15 10.35
C LEU A 70 -3.69 -0.03 10.81
N VAL A 71 -3.23 -1.26 10.56
CA VAL A 71 -4.03 -2.48 10.90
C VAL A 71 -4.23 -2.50 12.44
N GLY A 72 -3.18 -2.16 13.19
CA GLY A 72 -3.28 -2.06 14.68
C GLY A 72 -4.26 -1.02 15.21
N GLU A 73 -4.34 0.11 14.53
CA GLU A 73 -5.29 1.18 14.87
C GLU A 73 -6.73 0.61 14.85
N LEU A 74 -7.01 -0.25 13.88
CA LEU A 74 -8.31 -0.92 13.80
C LEU A 74 -8.50 -1.94 14.91
N VAL A 75 -7.47 -2.75 15.14
CA VAL A 75 -7.52 -3.82 16.16
C VAL A 75 -7.73 -3.19 17.54
N PHE A 76 -7.05 -2.06 17.78
CA PHE A 76 -7.15 -1.28 19.03
C PHE A 76 -8.35 -0.33 19.11
N LYS A 77 -9.26 -0.46 18.15
CA LYS A 77 -10.55 0.29 18.14
C LYS A 77 -10.43 1.83 18.02
N ARG A 78 -9.29 2.31 17.53
CA ARG A 78 -9.02 3.73 17.41
C ARG A 78 -9.66 4.28 16.13
N ALA A 79 -9.98 3.37 15.21
CA ALA A 79 -10.56 3.76 13.92
C ALA A 79 -11.71 2.86 13.51
N ASP A 80 -12.56 3.38 12.62
CA ASP A 80 -13.72 2.67 12.06
C ASP A 80 -13.36 2.08 10.67
N ILE A 81 -12.54 2.83 9.94
CA ILE A 81 -12.20 2.47 8.55
C ILE A 81 -10.71 2.66 8.36
N GLY A 82 -10.05 1.69 7.74
CA GLY A 82 -8.65 1.84 7.33
C GLY A 82 -8.57 1.78 5.80
N ILE A 83 -7.93 2.77 5.19
CA ILE A 83 -7.83 2.76 3.74
C ILE A 83 -6.57 3.50 3.34
N SER A 84 -5.83 2.91 2.41
CA SER A 84 -4.60 3.56 1.91
C SER A 84 -4.28 2.87 0.57
N ALA A 85 -3.03 2.43 0.41
CA ALA A 85 -2.68 1.36 -0.51
C ALA A 85 -2.58 0.05 0.37
N LEU A 86 -3.71 -0.36 0.96
CA LEU A 86 -3.71 -1.42 1.97
C LEU A 86 -3.97 -2.76 1.28
N THR A 87 -2.96 -3.62 1.35
CA THR A 87 -3.02 -4.97 0.78
C THR A 87 -3.80 -5.93 1.66
N ILE A 88 -4.80 -6.53 1.03
CA ILE A 88 -5.53 -7.66 1.62
C ILE A 88 -4.61 -8.86 1.73
N THR A 89 -4.45 -9.35 2.94
CA THR A 89 -3.70 -10.58 3.18
C THR A 89 -4.41 -11.46 4.23
N PRO A 90 -4.22 -12.78 4.12
CA PRO A 90 -4.80 -13.72 5.11
C PRO A 90 -4.43 -13.39 6.56
N ASP A 91 -3.17 -13.02 6.85
CA ASP A 91 -2.84 -12.68 8.24
C ASP A 91 -3.57 -11.48 8.81
N ARG A 92 -3.71 -10.45 7.99
CA ARG A 92 -4.49 -9.32 8.37
C ARG A 92 -5.97 -9.65 8.50
N GLU A 93 -6.48 -10.48 7.59
CA GLU A 93 -7.90 -10.95 7.65
C GLU A 93 -8.19 -11.69 8.96
N ASN A 94 -7.15 -12.20 9.59
CA ASN A 94 -7.34 -12.75 10.94
C ASN A 94 -7.75 -11.77 12.05
N VAL A 95 -7.38 -10.49 11.95
CA VAL A 95 -7.64 -9.54 13.03
C VAL A 95 -8.52 -8.33 12.68
N VAL A 96 -8.66 -8.05 11.37
CA VAL A 96 -9.62 -7.05 10.87
C VAL A 96 -10.45 -7.64 9.73
N ASP A 97 -11.54 -6.97 9.32
CA ASP A 97 -12.29 -7.45 8.18
C ASP A 97 -12.05 -6.57 6.98
N PHE A 98 -11.66 -7.19 5.88
CA PHE A 98 -11.54 -6.51 4.58
C PHE A 98 -12.81 -6.64 3.75
N THR A 99 -13.06 -5.58 2.99
CA THR A 99 -13.95 -5.64 1.84
C THR A 99 -13.36 -6.54 0.76
N THR A 100 -14.19 -6.91 -0.22
CA THR A 100 -13.66 -7.31 -1.50
C THR A 100 -12.65 -6.26 -2.09
N ARG A 101 -11.72 -6.68 -2.95
CA ARG A 101 -10.70 -5.75 -3.44
C ARG A 101 -11.33 -4.71 -4.34
N TYR A 102 -10.79 -3.48 -4.36
CA TYR A 102 -11.21 -2.46 -5.36
C TYR A 102 -10.20 -2.20 -6.48
N MET A 103 -9.06 -2.89 -6.39
CA MET A 103 -7.97 -2.82 -7.36
C MET A 103 -6.99 -4.00 -7.12
N ASP A 104 -6.34 -4.46 -8.18
CA ASP A 104 -5.41 -5.56 -8.05
C ASP A 104 -4.10 -4.98 -7.50
N TYR A 105 -3.36 -5.84 -6.83
CA TYR A 105 -2.05 -5.46 -6.29
C TYR A 105 -0.95 -6.37 -6.83
N SER A 106 0.25 -5.84 -7.04
CA SER A 106 1.39 -6.68 -7.37
C SER A 106 2.64 -6.01 -6.76
N VAL A 107 3.73 -6.75 -6.70
CA VAL A 107 4.98 -6.20 -6.20
C VAL A 107 5.87 -5.81 -7.37
N GLY A 108 6.48 -4.64 -7.28
CA GLY A 108 7.46 -4.18 -8.28
C GLY A 108 8.77 -3.81 -7.61
N VAL A 109 9.72 -3.37 -8.43
CA VAL A 109 11.02 -2.98 -7.92
C VAL A 109 11.36 -1.70 -8.66
N LEU A 110 11.84 -0.71 -7.88
CA LEU A 110 12.17 0.59 -8.41
C LEU A 110 13.69 0.63 -8.49
N LEU A 111 14.19 0.96 -9.66
CA LEU A 111 15.65 0.93 -9.93
C LEU A 111 16.08 2.22 -10.60
N ARG A 112 17.36 2.61 -10.42
CA ARG A 112 17.92 3.80 -10.96
C ARG A 112 18.35 3.55 -12.41
N ARG A 113 18.03 4.47 -13.31
CA ARG A 113 18.32 4.29 -14.73
C ARG A 113 19.83 4.10 -14.88
N GLY A 114 20.22 3.21 -15.77
CA GLY A 114 21.63 2.88 -15.98
C GLY A 114 22.00 1.55 -15.34
N THR A 115 21.23 1.11 -14.33
CA THR A 115 21.40 -0.22 -13.74
C THR A 115 20.95 -1.28 -14.76
N SER A 116 21.34 -2.52 -14.52
CA SER A 116 20.98 -3.60 -15.41
C SER A 116 20.27 -4.74 -14.67
N ILE A 117 19.14 -4.42 -14.03
CA ILE A 117 18.31 -5.44 -13.38
C ILE A 117 17.02 -5.58 -14.19
N GLN A 118 16.75 -6.79 -14.71
CA GLN A 118 15.62 -6.93 -15.60
C GLN A 118 14.44 -7.62 -14.93
N SER A 119 14.67 -8.13 -13.72
CA SER A 119 13.63 -8.89 -13.01
C SER A 119 13.90 -8.97 -11.50
N LEU A 120 12.83 -9.16 -10.73
CA LEU A 120 12.97 -9.48 -9.33
C LEU A 120 13.94 -10.65 -9.10
N GLN A 121 13.94 -11.61 -10.02
CA GLN A 121 14.91 -12.72 -10.00
C GLN A 121 16.36 -12.29 -10.08
N ASP A 122 16.67 -11.36 -10.99
CA ASP A 122 18.06 -10.84 -11.16
C ASP A 122 18.52 -10.08 -9.94
N LEU A 123 17.61 -9.27 -9.41
CA LEU A 123 17.86 -8.51 -8.19
C LEU A 123 18.32 -9.43 -7.06
N SER A 124 17.65 -10.56 -6.89
CA SER A 124 17.91 -11.50 -5.79
C SER A 124 19.23 -12.26 -5.95
N LYS A 125 19.72 -12.31 -7.18
CA LYS A 125 20.95 -13.04 -7.52
C LYS A 125 22.26 -12.27 -7.25
N GLN A 126 22.13 -10.99 -6.87
CA GLN A 126 23.27 -10.16 -6.52
C GLN A 126 23.13 -9.53 -5.13
N THR A 127 24.25 -9.04 -4.60
CA THR A 127 24.27 -8.38 -3.31
C THR A 127 24.87 -6.96 -3.40
N ASP A 128 25.41 -6.63 -4.57
CA ASP A 128 26.10 -5.35 -4.83
C ASP A 128 25.21 -4.12 -4.67
N ILE A 129 24.16 -4.00 -5.52
CA ILE A 129 23.05 -3.07 -5.24
C ILE A 129 22.26 -3.69 -4.09
N PRO A 130 22.33 -3.06 -2.89
CA PRO A 130 21.54 -3.54 -1.77
C PRO A 130 20.06 -3.22 -2.02
N TYR A 131 19.16 -3.94 -1.37
CA TYR A 131 17.73 -3.76 -1.63
C TYR A 131 16.87 -4.07 -0.42
N GLY A 132 15.62 -3.67 -0.50
CA GLY A 132 14.77 -3.88 0.63
C GLY A 132 13.44 -3.23 0.40
N THR A 133 12.67 -3.20 1.49
CA THR A 133 11.28 -2.74 1.47
C THR A 133 10.95 -1.88 2.69
N VAL A 134 9.67 -1.63 2.91
CA VAL A 134 9.24 -0.86 4.05
C VAL A 134 9.04 -1.86 5.19
N LEU A 135 9.62 -1.57 6.35
CA LEU A 135 9.38 -2.35 7.57
C LEU A 135 7.88 -2.37 7.94
N ASP A 136 7.46 -3.47 8.55
CA ASP A 136 6.09 -3.67 9.03
C ASP A 136 5.05 -3.41 7.91
N SER A 137 5.30 -4.03 6.77
CA SER A 137 4.41 -3.97 5.60
C SER A 137 4.15 -5.36 5.09
N ALA A 138 3.14 -5.47 4.22
CA ALA A 138 2.77 -6.76 3.65
C ALA A 138 3.93 -7.35 2.80
N VAL A 139 4.74 -6.51 2.17
CA VAL A 139 5.84 -7.00 1.34
C VAL A 139 6.83 -7.72 2.23
N TYR A 140 7.14 -7.07 3.35
CA TYR A 140 8.13 -7.58 4.27
C TYR A 140 7.70 -8.97 4.73
N GLN A 141 6.45 -9.05 5.20
CA GLN A 141 5.85 -10.30 5.66
C GLN A 141 5.77 -11.41 4.60
N HIS A 142 5.47 -11.03 3.36
CA HIS A 142 5.34 -11.96 2.27
C HIS A 142 6.70 -12.57 1.91
N VAL A 143 7.70 -11.70 1.77
CA VAL A 143 9.07 -12.15 1.43
C VAL A 143 9.58 -13.07 2.56
N ARG A 144 9.31 -12.70 3.81
CA ARG A 144 9.69 -13.53 4.95
C ARG A 144 9.04 -14.91 4.87
N MET A 145 7.73 -14.95 4.65
CA MET A 145 6.98 -16.19 4.66
C MET A 145 7.46 -17.10 3.52
N LYS A 146 7.58 -16.54 2.32
CA LYS A 146 7.96 -17.33 1.17
C LYS A 146 9.42 -17.72 1.25
N GLY A 147 10.26 -16.79 1.68
CA GLY A 147 11.70 -16.99 1.77
C GLY A 147 12.08 -18.05 2.80
N LEU A 148 11.28 -18.17 3.86
CA LEU A 148 11.46 -19.19 4.90
C LEU A 148 10.75 -20.51 4.67
N ASN A 149 9.95 -20.58 3.60
CA ASN A 149 9.27 -21.83 3.22
C ASN A 149 10.20 -22.71 2.38
N PRO A 150 10.66 -23.86 2.93
CA PRO A 150 11.55 -24.75 2.13
C PRO A 150 10.97 -25.26 0.80
N PHE A 151 9.65 -25.23 0.70
CA PHE A 151 8.94 -25.80 -0.43
C PHE A 151 8.48 -24.75 -1.40
N GLU A 152 8.90 -23.52 -1.15
CA GLU A 152 8.68 -22.44 -2.12
C GLU A 152 9.40 -22.82 -3.41
N ARG A 153 8.72 -22.71 -4.55
CA ARG A 153 9.29 -23.21 -5.80
C ARG A 153 10.29 -22.24 -6.48
N ASP A 154 10.09 -20.93 -6.29
CA ASP A 154 11.03 -19.92 -6.79
C ASP A 154 12.08 -19.62 -5.74
N SER A 155 13.34 -19.98 -6.03
CA SER A 155 14.43 -19.79 -5.05
C SER A 155 14.75 -18.30 -4.76
N MET A 156 14.16 -17.39 -5.52
CA MET A 156 14.43 -15.95 -5.33
C MET A 156 14.06 -15.48 -3.91
N TYR A 157 13.01 -16.08 -3.36
CA TYR A 157 12.47 -15.59 -2.10
C TYR A 157 13.44 -15.79 -0.95
N SER A 158 14.12 -16.93 -0.93
CA SER A 158 15.11 -17.19 0.11
C SER A 158 16.28 -16.19 0.02
N GLN A 159 16.73 -15.90 -1.20
CA GLN A 159 17.79 -14.91 -1.44
C GLN A 159 17.35 -13.50 -0.98
N MET A 160 16.11 -13.15 -1.29
CA MET A 160 15.55 -11.86 -0.86
C MET A 160 15.44 -11.73 0.65
N TRP A 161 15.06 -12.81 1.32
CA TRP A 161 14.93 -12.79 2.78
C TRP A 161 16.26 -12.59 3.50
N ARG A 162 17.31 -13.19 2.96
CA ARG A 162 18.65 -13.03 3.48
C ARG A 162 19.07 -11.56 3.45
N MET A 163 18.81 -10.90 2.33
CA MET A 163 19.08 -9.46 2.17
C MET A 163 18.20 -8.58 3.08
N ILE A 164 16.90 -8.87 3.10
CA ILE A 164 15.90 -8.03 3.78
C ILE A 164 15.86 -8.19 5.30
N ASN A 165 15.97 -9.42 5.78
CA ASN A 165 15.81 -9.72 7.22
C ASN A 165 16.40 -8.62 8.09
N ARG A 166 15.57 -7.97 8.90
CA ARG A 166 16.07 -6.85 9.70
C ARG A 166 16.60 -7.32 11.05
N ASN A 172 18.84 -2.51 5.36
CA ASN A 172 18.45 -2.39 3.93
C ASN A 172 17.01 -1.96 3.72
N ASN A 173 16.26 -1.86 4.80
CA ASN A 173 14.86 -1.46 4.72
C ASN A 173 14.69 -0.01 5.11
N VAL A 174 13.45 0.49 4.96
CA VAL A 174 13.12 1.86 5.26
C VAL A 174 11.85 1.92 6.11
N LEU A 175 11.63 3.04 6.79
CA LEU A 175 10.48 3.20 7.64
C LEU A 175 9.22 3.59 6.83
N GLU A 176 9.44 4.21 5.69
CA GLU A 176 8.34 4.82 4.93
C GLU A 176 8.76 4.76 3.49
N SER A 177 7.81 4.55 2.60
CA SER A 177 8.17 4.39 1.18
C SER A 177 8.94 5.57 0.61
N GLN A 178 8.60 6.79 1.01
CA GLN A 178 9.36 7.97 0.53
C GLN A 178 10.87 7.84 0.72
N ALA A 179 11.30 7.30 1.85
CA ALA A 179 12.72 7.07 2.17
C ALA A 179 13.33 6.08 1.18
N GLY A 180 12.55 5.06 0.79
CA GLY A 180 13.03 4.01 -0.13
C GLY A 180 13.22 4.57 -1.52
N ILE A 181 12.32 5.46 -1.91
CA ILE A 181 12.31 6.10 -3.23
C ILE A 181 13.55 7.02 -3.33
N GLN A 182 13.82 7.73 -2.22
CA GLN A 182 14.95 8.67 -2.15
C GLN A 182 16.28 7.93 -2.24
N LYS A 183 16.34 6.75 -1.62
CA LYS A 183 17.52 5.90 -1.60
C LYS A 183 17.82 5.42 -3.01
N VAL A 184 16.78 5.02 -3.75
CA VAL A 184 17.00 4.61 -5.14
C VAL A 184 17.53 5.76 -5.97
N LYS A 185 16.97 6.95 -5.74
CA LYS A 185 17.23 8.11 -6.58
C LYS A 185 18.68 8.63 -6.42
N TYR A 186 19.16 8.57 -5.19
CA TYR A 186 20.39 9.30 -4.80
C TYR A 186 21.51 8.39 -4.35
N GLY A 187 21.20 7.12 -4.16
CA GLY A 187 22.16 6.19 -3.60
C GLY A 187 22.41 5.03 -4.53
N ASN A 188 22.65 3.89 -3.91
CA ASN A 188 22.89 2.64 -4.58
C ASN A 188 21.89 1.73 -3.90
N TYR A 189 20.71 1.64 -4.49
CA TYR A 189 19.60 0.95 -3.86
C TYR A 189 18.51 0.58 -4.87
N ALA A 190 17.84 -0.52 -4.59
CA ALA A 190 16.65 -0.89 -5.35
C ALA A 190 15.57 -1.14 -4.28
N PHE A 191 14.39 -0.64 -4.58
CA PHE A 191 13.30 -0.60 -3.63
C PHE A 191 12.16 -1.51 -4.07
N VAL A 192 11.83 -2.49 -3.23
CA VAL A 192 10.78 -3.46 -3.58
C VAL A 192 9.49 -3.00 -2.95
N TRP A 193 8.48 -2.70 -3.77
CA TRP A 193 7.26 -2.07 -3.22
C TRP A 193 6.10 -2.28 -4.17
N ASP A 194 4.87 -1.90 -3.75
CA ASP A 194 3.67 -1.90 -4.65
C ASP A 194 3.96 -1.41 -6.06
N ALA A 195 3.72 -2.24 -7.09
CA ALA A 195 3.87 -1.84 -8.48
C ALA A 195 3.10 -0.57 -8.83
N ALA A 196 1.86 -0.44 -8.35
CA ALA A 196 1.07 0.75 -8.62
C ALA A 196 1.70 2.05 -8.14
N VAL A 197 2.32 1.99 -6.96
CA VAL A 197 3.02 3.14 -6.40
C VAL A 197 4.27 3.43 -7.22
N LEU A 198 5.08 2.39 -7.43
CA LEU A 198 6.33 2.56 -8.21
C LEU A 198 6.12 3.00 -9.67
N GLU A 199 5.05 2.53 -10.32
CA GLU A 199 4.72 3.01 -11.67
C GLU A 199 4.41 4.49 -11.70
N TYR A 200 3.66 4.94 -10.72
CA TYR A 200 3.32 6.34 -10.64
C TYR A 200 4.59 7.19 -10.38
N VAL A 201 5.41 6.73 -9.45
CA VAL A 201 6.65 7.41 -9.10
C VAL A 201 7.58 7.50 -10.31
N ALA A 202 7.78 6.38 -11.00
CA ALA A 202 8.68 6.33 -12.17
C ALA A 202 8.22 7.29 -13.30
N ILE A 203 6.93 7.28 -13.62
CA ILE A 203 6.46 8.09 -14.74
C ILE A 203 6.39 9.59 -14.43
N ASN A 204 6.32 9.94 -13.15
CA ASN A 204 6.21 11.33 -12.71
C ASN A 204 7.50 11.95 -12.20
N ASP A 205 8.60 11.19 -12.20
CA ASP A 205 9.84 11.72 -11.63
C ASP A 205 10.36 12.86 -12.51
N PRO A 206 10.67 14.03 -11.90
CA PRO A 206 10.99 15.18 -12.77
C PRO A 206 12.23 14.94 -13.63
N ASP A 207 13.11 14.04 -13.18
CA ASP A 207 14.37 13.75 -13.85
C ASP A 207 14.36 12.45 -14.62
N CYS A 208 13.23 11.73 -14.58
CA CYS A 208 13.14 10.40 -15.18
C CYS A 208 14.28 9.51 -14.65
N SER A 209 14.51 9.55 -13.34
CA SER A 209 15.64 8.84 -12.72
C SER A 209 15.46 7.31 -12.64
N PHE A 210 14.24 6.83 -12.86
CA PHE A 210 13.89 5.45 -12.52
C PHE A 210 13.34 4.63 -13.70
N TYR A 211 13.42 3.32 -13.50
CA TYR A 211 12.55 2.38 -14.21
C TYR A 211 12.07 1.36 -13.17
N THR A 212 11.05 0.59 -13.54
CA THR A 212 10.48 -0.43 -12.70
C THR A 212 10.54 -1.78 -13.39
N VAL A 213 10.66 -2.84 -12.62
CA VAL A 213 10.46 -4.18 -13.17
C VAL A 213 9.46 -4.91 -12.25
N GLY A 214 8.84 -5.98 -12.75
CA GLY A 214 7.96 -6.79 -11.88
C GLY A 214 6.93 -7.55 -12.69
N ALA A 218 -1.51 -9.94 -9.78
CA ALA A 218 -2.90 -9.68 -9.33
C ALA A 218 -3.48 -10.77 -8.44
N ASP A 219 -2.64 -11.53 -7.76
CA ASP A 219 -3.12 -12.57 -6.85
C ASP A 219 -3.61 -12.01 -5.51
N ARG A 220 -3.10 -10.83 -5.16
CA ARG A 220 -3.63 -10.10 -4.00
C ARG A 220 -4.23 -8.80 -4.44
N GLY A 221 -5.02 -8.19 -3.56
CA GLY A 221 -5.66 -6.96 -3.92
C GLY A 221 -5.59 -5.89 -2.86
N TYR A 222 -5.94 -4.68 -3.24
CA TYR A 222 -6.19 -3.55 -2.29
C TYR A 222 -7.62 -3.62 -1.75
N GLY A 223 -7.74 -3.41 -0.45
CA GLY A 223 -9.05 -3.51 0.22
C GLY A 223 -9.24 -2.40 1.24
N ILE A 224 -10.50 -2.22 1.65
CA ILE A 224 -10.83 -1.37 2.79
C ILE A 224 -10.92 -2.28 4.03
N ALA A 225 -10.22 -1.93 5.12
CA ALA A 225 -10.24 -2.70 6.36
C ALA A 225 -11.24 -2.07 7.33
N LEU A 226 -11.92 -2.91 8.09
CA LEU A 226 -12.85 -2.46 9.08
C LEU A 226 -12.57 -3.35 10.33
N GLN A 227 -12.98 -2.85 11.49
CA GLN A 227 -12.94 -3.70 12.70
C GLN A 227 -13.68 -5.02 12.41
N HIS A 228 -13.21 -6.12 12.98
CA HIS A 228 -13.92 -7.39 12.84
C HIS A 228 -15.38 -7.25 13.28
N GLY A 229 -16.24 -7.75 12.42
CA GLY A 229 -17.67 -7.76 12.64
C GLY A 229 -18.39 -6.51 12.15
N SER A 230 -17.64 -5.53 11.61
CA SER A 230 -18.26 -4.28 11.21
C SER A 230 -19.40 -4.48 10.23
N PRO A 231 -20.55 -3.82 10.49
CA PRO A 231 -21.68 -3.94 9.55
C PRO A 231 -21.51 -3.11 8.26
N TYR A 232 -20.37 -2.42 8.13
CA TYR A 232 -20.05 -1.70 6.89
C TYR A 232 -19.49 -2.57 5.79
N ARG A 233 -18.91 -3.72 6.16
CA ARG A 233 -18.14 -4.52 5.20
C ARG A 233 -18.95 -4.97 4.02
N ASP A 234 -20.11 -5.60 4.29
CA ASP A 234 -20.91 -6.12 3.20
C ASP A 234 -21.44 -5.01 2.29
N VAL A 235 -21.82 -3.89 2.92
CA VAL A 235 -22.43 -2.77 2.24
C VAL A 235 -21.39 -2.13 1.34
N PHE A 236 -20.20 -1.92 1.90
CA PHE A 236 -19.06 -1.44 1.10
C PHE A 236 -18.69 -2.35 -0.08
N SER A 237 -18.61 -3.66 0.19
CA SER A 237 -18.23 -4.61 -0.86
C SER A 237 -19.28 -4.58 -1.97
N GLN A 238 -20.55 -4.48 -1.58
CA GLN A 238 -21.57 -4.35 -2.62
C GLN A 238 -21.35 -3.14 -3.55
N ARG A 239 -21.08 -1.96 -2.94
CA ARG A 239 -20.90 -0.71 -3.65
C ARG A 239 -19.63 -0.77 -4.55
N ILE A 240 -18.58 -1.36 -3.99
CA ILE A 240 -17.33 -1.65 -4.76
C ILE A 240 -17.59 -2.46 -6.03
N LEU A 241 -18.29 -3.60 -5.90
CA LEU A 241 -18.64 -4.42 -7.06
C LEU A 241 -19.44 -3.64 -8.09
N GLU A 242 -20.36 -2.80 -7.62
CA GLU A 242 -21.17 -1.96 -8.51
C GLU A 242 -20.32 -1.00 -9.30
N LEU A 243 -19.36 -0.39 -8.59
CA LEU A 243 -18.45 0.56 -9.21
C LEU A 243 -17.60 -0.12 -10.28
N GLN A 244 -17.15 -1.34 -9.99
CA GLN A 244 -16.39 -2.12 -10.97
C GLN A 244 -17.22 -2.47 -12.20
N GLN A 245 -18.41 -3.02 -11.96
CA GLN A 245 -19.31 -3.45 -13.05
C GLN A 245 -19.66 -2.33 -14.02
N SER A 246 -19.95 -1.14 -13.50
CA SER A 246 -20.37 -0.02 -14.35
C SER A 246 -19.23 0.58 -15.20
N GLY A 247 -17.99 0.26 -14.85
CA GLY A 247 -16.83 0.94 -15.45
C GLY A 247 -16.37 2.14 -14.66
N ASP A 248 -17.08 2.45 -13.58
CA ASP A 248 -16.75 3.62 -12.80
C ASP A 248 -15.43 3.43 -12.06
N MET A 249 -15.12 2.21 -11.60
CA MET A 249 -13.86 1.98 -10.92
C MET A 249 -12.70 2.20 -11.90
N ASP A 250 -12.92 1.81 -13.15
CA ASP A 250 -11.90 2.07 -14.18
C ASP A 250 -11.69 3.56 -14.49
N ILE A 251 -12.75 4.35 -14.43
CA ILE A 251 -12.68 5.80 -14.60
C ILE A 251 -11.82 6.40 -13.49
N LEU A 252 -12.05 5.92 -12.26
CA LEU A 252 -11.25 6.39 -11.13
C LEU A 252 -9.79 6.08 -11.31
N LYS A 253 -9.50 4.85 -11.71
CA LYS A 253 -8.11 4.40 -11.94
C LYS A 253 -7.39 5.26 -12.98
N HIS A 254 -8.05 5.47 -14.12
CA HIS A 254 -7.49 6.31 -15.17
C HIS A 254 -7.15 7.76 -14.72
N LYS A 255 -7.92 8.32 -13.77
CA LYS A 255 -7.65 9.64 -13.23
C LYS A 255 -6.27 9.68 -12.58
N TRP A 256 -5.94 8.62 -11.84
CA TRP A 256 -4.69 8.57 -11.05
C TRP A 256 -3.51 7.84 -11.68
N TRP A 257 -3.79 6.98 -12.67
CA TRP A 257 -2.78 6.30 -13.45
C TRP A 257 -3.08 6.50 -14.97
N PRO A 258 -3.02 7.75 -15.43
CA PRO A 258 -3.27 8.08 -16.83
C PRO A 258 -1.93 7.81 -17.46
N LYS A 259 -1.72 6.61 -17.99
CA LYS A 259 -0.32 6.19 -18.16
C LYS A 259 0.35 6.79 -19.36
N ASN A 260 0.89 7.97 -19.12
CA ASN A 260 1.44 8.86 -20.12
C ASN A 260 2.87 9.25 -19.70
N GLY A 261 3.77 8.28 -19.71
CA GLY A 261 5.17 8.50 -19.39
C GLY A 261 5.96 8.90 -20.63
#